data_2FEW
#
_entry.id   2FEW
#
_cell.length_a   1.000
_cell.length_b   1.000
_cell.length_c   1.000
_cell.angle_alpha   90.00
_cell.angle_beta   90.00
_cell.angle_gamma   90.00
#
_symmetry.space_group_name_H-M   'P 1'
#
loop_
_entity.id
_entity.type
_entity.pdbx_description
1 polymer 'PTS system mannitol-specific EIICBA component'
2 polymer 'mannitol-specific PTS system enzyme IIABC components'
#
loop_
_entity_poly.entity_id
_entity_poly.type
_entity_poly.pdbx_seq_one_letter_code
_entity_poly.pdbx_strand_id
1 'polypeptide(L)'
;MANLFKLGAENIFLGRKAATKEEAIRFAGEQLVKGGYVEPEYVQAMLDREKLTPTYLGESIAVPQGTVEAKDRVLKTGVV
FCQYPEGVRFGEEEDDIARLVIGIAARNNEHIQVITSLTNALDDESVIERLAHTTSVDEVLELLAGRK
;
A
2 'polypeptide(L)'
;SHVRKIIVA(SEP)DAGMGSSAMGAGVLRKKIQDAGLSQISVTNSAINNLPPDVDLVITHRDLTERAMRQVPQAQHISLT
NFLDSGLYTSLTERLVAAQRHTENE
;
B
#
# COMPACT_ATOMS: atom_id res chain seq x y z
N LEU A 4 -0.16 15.04 6.54
CA LEU A 4 -1.55 14.56 6.39
C LEU A 4 -2.02 13.79 7.61
N PHE A 5 -1.09 13.22 8.41
CA PHE A 5 -1.58 12.52 9.60
C PHE A 5 -0.74 12.84 10.83
N LYS A 6 -1.44 12.90 11.97
CA LYS A 6 -0.77 13.13 13.25
C LYS A 6 -0.26 11.80 13.75
N LEU A 7 0.92 11.84 14.37
CA LEU A 7 1.51 10.63 14.92
C LEU A 7 2.09 11.02 16.27
N GLY A 8 1.70 10.28 17.30
CA GLY A 8 2.18 10.57 18.65
C GLY A 8 2.12 9.27 19.44
N ALA A 9 2.31 9.35 20.74
CA ALA A 9 2.24 8.21 21.63
C ALA A 9 0.89 7.53 21.62
N GLU A 10 -0.20 8.29 21.49
CA GLU A 10 -1.55 7.74 21.45
C GLU A 10 -1.83 6.84 20.25
N ASN A 11 -1.01 6.86 19.20
CA ASN A 11 -1.33 5.94 18.09
C ASN A 11 -0.16 5.04 17.71
N ILE A 12 0.74 4.78 18.65
CA ILE A 12 1.86 3.86 18.48
C ILE A 12 1.71 2.71 19.48
N PHE A 13 1.67 1.48 18.99
CA PHE A 13 1.46 0.31 19.83
C PHE A 13 2.56 -0.72 19.60
N LEU A 14 3.48 -0.83 20.57
CA LEU A 14 4.60 -1.73 20.43
C LEU A 14 4.42 -3.07 21.13
N GLY A 15 5.21 -4.05 20.68
CA GLY A 15 5.26 -5.37 21.26
C GLY A 15 3.96 -6.12 21.33
N ARG A 16 3.13 -5.99 20.29
CA ARG A 16 1.88 -6.76 20.25
C ARG A 16 2.15 -8.16 19.75
N LYS A 17 1.12 -9.00 19.88
CA LYS A 17 1.13 -10.38 19.45
C LYS A 17 -0.24 -10.71 18.84
N ALA A 18 -0.24 -11.47 17.77
CA ALA A 18 -1.50 -11.87 17.15
C ALA A 18 -1.28 -13.16 16.38
N ALA A 19 -2.19 -14.12 16.56
CA ALA A 19 -2.03 -15.39 15.85
C ALA A 19 -2.46 -15.26 14.40
N THR A 20 -3.37 -14.32 14.12
CA THR A 20 -3.87 -14.14 12.77
C THR A 20 -3.86 -12.66 12.33
N LYS A 21 -3.88 -12.48 11.01
CA LYS A 21 -4.00 -11.11 10.48
C LYS A 21 -5.36 -10.54 10.84
N GLU A 22 -6.41 -11.36 10.91
CA GLU A 22 -7.74 -10.84 11.27
C GLU A 22 -7.72 -10.21 12.66
N GLU A 23 -7.06 -10.83 13.64
CA GLU A 23 -6.94 -10.24 14.96
C GLU A 23 -6.16 -8.92 14.92
N ALA A 24 -5.08 -8.86 14.16
CA ALA A 24 -4.29 -7.62 14.07
C ALA A 24 -5.13 -6.50 13.43
N ILE A 25 -5.86 -6.85 12.36
CA ILE A 25 -6.70 -5.87 11.69
C ILE A 25 -7.79 -5.34 12.59
N ARG A 26 -8.42 -6.24 13.35
CA ARG A 26 -9.46 -5.86 14.29
C ARG A 26 -8.91 -4.93 15.37
N PHE A 27 -7.68 -5.15 15.83
CA PHE A 27 -7.10 -4.26 16.83
C PHE A 27 -6.87 -2.87 16.24
N ALA A 28 -6.24 -2.85 15.06
CA ALA A 28 -6.02 -1.58 14.37
C ALA A 28 -7.34 -0.85 14.17
N GLY A 29 -8.38 -1.53 13.70
CA GLY A 29 -9.70 -0.99 13.50
C GLY A 29 -10.31 -0.45 14.80
N GLU A 30 -10.16 -1.18 15.89
CA GLU A 30 -10.64 -0.73 17.19
C GLU A 30 -9.95 0.56 17.62
N GLN A 31 -8.67 0.71 17.36
CA GLN A 31 -7.89 1.89 17.71
C GLN A 31 -8.24 3.08 16.83
N LEU A 32 -8.53 2.85 15.56
CA LEU A 32 -9.03 3.91 14.69
C LEU A 32 -10.37 4.40 15.20
N VAL A 33 -11.24 3.51 15.70
CA VAL A 33 -12.53 3.89 16.24
C VAL A 33 -12.30 4.66 17.55
N LYS A 34 -11.43 4.12 18.39
CA LYS A 34 -11.12 4.75 19.66
C LYS A 34 -10.61 6.18 19.55
N GLY A 35 -9.77 6.50 18.56
CA GLY A 35 -9.25 7.85 18.42
C GLY A 35 -10.14 8.80 17.62
N GLY A 36 -11.35 8.41 17.30
CA GLY A 36 -12.32 9.19 16.55
C GLY A 36 -12.00 9.33 15.09
N TYR A 37 -11.18 8.42 14.55
CA TYR A 37 -10.85 8.51 13.13
C TYR A 37 -11.97 7.96 12.28
N VAL A 38 -12.62 6.89 12.74
CA VAL A 38 -13.67 6.21 12.02
C VAL A 38 -14.83 5.78 12.92
N GLU A 39 -15.97 5.54 12.28
CA GLU A 39 -17.15 5.04 12.98
C GLU A 39 -17.04 3.53 13.02
N PRO A 40 -17.79 2.86 13.89
CA PRO A 40 -17.74 1.42 14.07
C PRO A 40 -17.83 0.55 12.84
N GLU A 41 -18.60 0.91 11.82
CA GLU A 41 -18.73 0.15 10.60
C GLU A 41 -17.42 -0.01 9.83
N TYR A 42 -16.44 0.85 10.06
CA TYR A 42 -15.16 0.78 9.38
C TYR A 42 -14.33 -0.44 9.73
N VAL A 43 -14.48 -1.02 10.93
CA VAL A 43 -13.71 -2.18 11.30
C VAL A 43 -13.97 -3.38 10.38
N GLN A 44 -15.26 -3.67 10.14
CA GLN A 44 -15.60 -4.77 9.23
C GLN A 44 -15.20 -4.44 7.82
N ALA A 45 -15.27 -3.16 7.44
CA ALA A 45 -14.84 -2.73 6.13
C ALA A 45 -13.34 -3.00 5.94
N MET A 46 -12.52 -2.93 6.99
CA MET A 46 -11.10 -3.26 6.88
C MET A 46 -10.96 -4.77 6.65
N LEU A 47 -11.82 -5.55 7.33
CA LEU A 47 -11.74 -7.01 7.15
C LEU A 47 -12.25 -7.36 5.76
N ASP A 48 -13.31 -6.67 5.32
CA ASP A 48 -13.79 -6.86 3.95
C ASP A 48 -12.72 -6.58 2.92
N ARG A 49 -11.99 -5.46 3.11
CA ARG A 49 -10.94 -5.12 2.15
C ARG A 49 -9.85 -6.18 2.13
N GLU A 50 -9.49 -6.73 3.29
CA GLU A 50 -8.44 -7.73 3.37
C GLU A 50 -8.76 -8.99 2.57
N LYS A 51 -10.04 -9.38 2.56
CA LYS A 51 -10.48 -10.53 1.78
C LYS A 51 -10.27 -10.34 0.28
N LEU A 52 -10.47 -9.12 -0.25
CA LEU A 52 -10.30 -8.90 -1.69
C LEU A 52 -8.90 -9.18 -2.18
N THR A 53 -7.88 -8.75 -1.44
CA THR A 53 -6.47 -8.93 -1.76
C THR A 53 -5.70 -8.45 -0.53
N PRO A 54 -4.68 -9.14 -0.11
CA PRO A 54 -3.93 -8.77 1.09
C PRO A 54 -3.41 -7.34 1.04
N THR A 55 -3.27 -6.75 2.22
CA THR A 55 -2.75 -5.37 2.31
C THR A 55 -1.27 -5.40 2.68
N TYR A 56 -0.70 -6.62 2.63
CA TYR A 56 0.74 -6.78 2.83
C TYR A 56 1.40 -6.04 1.67
N LEU A 57 2.47 -5.30 1.94
CA LEU A 57 3.12 -4.54 0.90
C LEU A 57 4.56 -4.99 0.67
N GLY A 58 4.94 -6.12 1.25
CA GLY A 58 6.31 -6.61 1.11
C GLY A 58 7.13 -5.93 2.23
N GLU A 59 8.37 -6.40 2.39
CA GLU A 59 9.30 -5.85 3.36
C GLU A 59 8.79 -5.79 4.77
N SER A 60 8.04 -6.80 5.21
CA SER A 60 7.51 -6.92 6.56
C SER A 60 6.52 -5.86 6.98
N ILE A 61 5.86 -5.20 6.03
CA ILE A 61 4.88 -4.18 6.28
C ILE A 61 3.50 -4.54 5.73
N ALA A 62 2.45 -4.29 6.50
CA ALA A 62 1.07 -4.43 6.05
C ALA A 62 0.35 -3.13 6.42
N VAL A 63 -0.54 -2.68 5.55
CA VAL A 63 -1.29 -1.42 5.74
C VAL A 63 -2.78 -1.61 5.51
N PRO A 64 -3.47 -2.29 6.42
CA PRO A 64 -4.90 -2.56 6.29
C PRO A 64 -5.72 -1.27 6.29
N GLN A 65 -6.75 -1.25 5.45
CA GLN A 65 -7.65 -0.11 5.35
C GLN A 65 -9.03 -0.58 4.91
N GLY A 66 -10.00 0.31 4.95
CA GLY A 66 -11.40 -0.04 4.58
C GLY A 66 -11.63 0.03 3.09
N THR A 67 -12.75 -0.44 2.66
CA THR A 67 -13.06 -0.39 1.23
C THR A 67 -13.53 0.99 0.81
N VAL A 68 -13.62 1.26 -0.49
CA VAL A 68 -14.17 2.50 -1.01
C VAL A 68 -15.62 2.72 -0.59
N GLU A 69 -16.35 1.66 -0.33
CA GLU A 69 -17.73 1.71 0.11
C GLU A 69 -17.88 2.32 1.50
N ALA A 70 -16.86 2.18 2.34
CA ALA A 70 -16.91 2.73 3.68
C ALA A 70 -16.38 4.14 3.82
N LYS A 71 -16.13 4.88 2.75
CA LYS A 71 -15.61 6.23 2.82
C LYS A 71 -16.36 7.19 3.72
N ASP A 72 -17.69 7.16 3.79
CA ASP A 72 -18.46 8.03 4.66
C ASP A 72 -18.49 7.63 6.13
N ARG A 73 -17.85 6.53 6.50
CA ARG A 73 -17.72 6.11 7.89
C ARG A 73 -16.37 6.57 8.44
N VAL A 74 -15.60 7.30 7.65
CA VAL A 74 -14.33 7.89 8.04
C VAL A 74 -14.56 9.31 8.55
N LEU A 75 -14.13 9.61 9.77
CA LEU A 75 -14.36 10.94 10.33
C LEU A 75 -13.16 11.84 10.07
N LYS A 76 -11.96 11.27 10.15
CA LYS A 76 -10.75 12.04 9.91
C LYS A 76 -9.59 11.10 9.59
N THR A 77 -8.72 11.59 8.73
CA THR A 77 -7.54 10.85 8.31
C THR A 77 -6.69 10.53 9.52
N GLY A 78 -6.30 9.26 9.62
CA GLY A 78 -5.53 8.80 10.76
C GLY A 78 -4.87 7.45 10.49
N VAL A 79 -3.88 7.14 11.30
CA VAL A 79 -3.10 5.92 11.21
C VAL A 79 -2.89 5.35 12.62
N VAL A 80 -2.77 4.04 12.72
CA VAL A 80 -2.41 3.40 13.98
C VAL A 80 -1.25 2.46 13.67
N PHE A 81 -0.10 2.77 14.28
CA PHE A 81 1.12 2.03 14.07
C PHE A 81 1.18 0.86 15.06
N CYS A 82 1.14 -0.35 14.53
CA CYS A 82 1.12 -1.53 15.40
C CYS A 82 2.32 -2.43 15.12
N GLN A 83 3.12 -2.67 16.17
CA GLN A 83 4.33 -3.46 16.04
C GLN A 83 4.14 -4.89 16.53
N TYR A 84 4.48 -5.85 15.67
CA TYR A 84 4.38 -7.28 15.98
C TYR A 84 5.75 -7.90 15.76
N PRO A 85 6.62 -7.84 16.77
CA PRO A 85 7.99 -8.32 16.66
C PRO A 85 8.10 -9.76 16.21
N GLU A 86 7.17 -10.61 16.62
CA GLU A 86 7.13 -12.02 16.24
C GLU A 86 6.51 -12.24 14.87
N GLY A 87 5.88 -11.20 14.33
CA GLY A 87 5.33 -11.27 12.98
C GLY A 87 3.92 -11.82 12.92
N VAL A 88 3.22 -11.42 11.87
CA VAL A 88 1.86 -11.86 11.61
C VAL A 88 1.77 -12.15 10.10
N ARG A 89 1.43 -13.37 9.74
CA ARG A 89 1.35 -13.70 8.30
C ARG A 89 0.29 -12.80 7.68
N PHE A 90 0.62 -12.04 6.65
CA PHE A 90 -0.35 -11.13 6.07
C PHE A 90 -0.51 -11.27 4.57
N GLY A 91 0.57 -11.62 3.88
CA GLY A 91 0.52 -11.72 2.43
C GLY A 91 -0.01 -13.06 1.94
N GLU A 92 0.12 -13.24 0.63
CA GLU A 92 -0.31 -14.42 -0.09
C GLU A 92 0.36 -15.69 0.41
N GLU A 93 1.69 -15.67 0.53
CA GLU A 93 2.45 -16.82 0.97
C GLU A 93 2.68 -16.87 2.48
N GLU A 94 3.14 -18.01 3.00
CA GLU A 94 3.48 -18.14 4.40
C GLU A 94 4.71 -17.33 4.78
N ASP A 95 5.56 -17.01 3.81
CA ASP A 95 6.75 -16.21 3.94
C ASP A 95 6.43 -14.71 4.05
N ASP A 96 5.23 -14.32 3.63
CA ASP A 96 4.82 -12.91 3.68
C ASP A 96 4.35 -12.53 5.07
N ILE A 97 5.30 -12.27 5.97
CA ILE A 97 5.06 -11.92 7.35
C ILE A 97 5.26 -10.43 7.58
N ALA A 98 4.33 -9.81 8.29
CA ALA A 98 4.45 -8.40 8.63
C ALA A 98 4.78 -8.23 10.11
N ARG A 99 5.77 -7.39 10.39
CA ARG A 99 6.09 -7.05 11.78
C ARG A 99 5.57 -5.64 12.07
N LEU A 100 5.27 -4.92 10.98
CA LEU A 100 4.68 -3.58 11.09
C LEU A 100 3.28 -3.64 10.43
N VAL A 101 2.26 -3.47 11.21
CA VAL A 101 0.86 -3.47 10.78
C VAL A 101 0.33 -2.07 11.02
N ILE A 102 0.21 -1.30 9.94
CA ILE A 102 -0.21 0.10 10.09
C ILE A 102 -1.63 0.31 9.55
N GLY A 103 -2.58 0.39 10.46
CA GLY A 103 -3.99 0.56 10.18
C GLY A 103 -4.28 1.99 9.75
N ILE A 104 -4.93 2.14 8.56
CA ILE A 104 -5.17 3.49 8.08
C ILE A 104 -6.63 3.76 7.75
N ALA A 105 -6.97 5.05 7.96
CA ALA A 105 -8.26 5.64 7.72
C ALA A 105 -7.97 6.94 6.95
N ALA A 106 -8.48 7.02 5.73
CA ALA A 106 -8.17 8.23 4.96
C ALA A 106 -9.45 8.84 4.41
N ARG A 107 -9.64 10.14 4.62
CA ARG A 107 -10.82 10.82 4.10
C ARG A 107 -10.85 10.63 2.59
N ASN A 108 -12.03 10.57 1.99
CA ASN A 108 -12.18 10.51 0.54
C ASN A 108 -11.51 9.33 -0.13
N ASN A 109 -11.38 8.19 0.54
CA ASN A 109 -10.69 7.03 0.04
C ASN A 109 -9.27 7.34 -0.44
N GLU A 110 -8.56 8.26 0.18
CA GLU A 110 -7.22 8.66 -0.18
C GLU A 110 -6.14 7.75 0.41
N HIS A 111 -6.42 6.48 0.61
CA HIS A 111 -5.48 5.55 1.24
C HIS A 111 -4.11 5.46 0.61
N ILE A 112 -4.04 5.52 -0.72
CA ILE A 112 -2.73 5.46 -1.38
C ILE A 112 -1.84 6.64 -1.02
N GLN A 113 -2.42 7.81 -0.70
CA GLN A 113 -1.62 8.96 -0.30
C GLN A 113 -0.99 8.70 1.06
N VAL A 114 -1.77 8.10 1.96
CA VAL A 114 -1.23 7.77 3.28
C VAL A 114 -0.19 6.67 3.17
N ILE A 115 -0.47 5.63 2.38
CA ILE A 115 0.47 4.54 2.15
C ILE A 115 1.77 5.07 1.55
N THR A 116 1.66 5.96 0.56
CA THR A 116 2.80 6.54 -0.12
C THR A 116 3.68 7.32 0.84
N SER A 117 3.05 8.08 1.72
CA SER A 117 3.80 8.84 2.71
C SER A 117 4.54 7.89 3.66
N LEU A 118 3.87 6.86 4.16
CA LEU A 118 4.52 5.90 5.04
C LEU A 118 5.66 5.16 4.36
N THR A 119 5.43 4.63 3.16
CA THR A 119 6.44 3.84 2.45
C THR A 119 7.63 4.70 2.02
N ASN A 120 7.43 5.99 1.80
CA ASN A 120 8.48 6.94 1.47
C ASN A 120 9.46 7.04 2.65
N ALA A 121 8.95 7.02 3.88
CA ALA A 121 9.77 7.06 5.08
C ALA A 121 10.35 5.69 5.40
N LEU A 122 9.81 4.63 4.80
CA LEU A 122 10.28 3.27 4.98
C LEU A 122 11.07 2.75 3.79
N ASP A 123 11.70 3.62 3.01
CA ASP A 123 12.46 3.27 1.83
C ASP A 123 13.78 2.59 2.13
N ASP A 124 14.25 2.61 3.38
CA ASP A 124 15.49 1.97 3.78
C ASP A 124 15.24 0.77 4.68
N GLU A 125 15.86 -0.36 4.37
CA GLU A 125 15.76 -1.61 5.11
C GLU A 125 16.11 -1.51 6.59
N SER A 126 17.08 -0.66 6.93
CA SER A 126 17.48 -0.47 8.31
C SER A 126 16.37 0.19 9.11
N VAL A 127 15.59 1.09 8.49
CA VAL A 127 14.51 1.75 9.22
C VAL A 127 13.45 0.72 9.61
N ILE A 128 13.06 -0.18 8.71
CA ILE A 128 12.03 -1.18 9.02
C ILE A 128 12.48 -2.12 10.14
N GLU A 129 13.72 -2.60 10.03
CA GLU A 129 14.27 -3.48 11.06
C GLU A 129 14.21 -2.82 12.44
N ARG A 130 14.64 -1.56 12.52
CA ARG A 130 14.60 -0.82 13.78
C ARG A 130 13.20 -0.66 14.31
N LEU A 131 12.26 -0.28 13.43
CA LEU A 131 10.88 -0.10 13.83
C LEU A 131 10.23 -1.39 14.31
N ALA A 132 10.57 -2.50 13.68
CA ALA A 132 10.01 -3.81 13.97
C ALA A 132 10.31 -4.34 15.34
N HIS A 133 11.46 -3.98 15.94
CA HIS A 133 11.83 -4.54 17.24
C HIS A 133 12.14 -3.53 18.32
N THR A 134 12.04 -2.25 18.04
CA THR A 134 12.31 -1.21 19.01
C THR A 134 11.30 -1.19 20.15
N THR A 135 11.78 -0.87 21.36
CA THR A 135 10.88 -0.75 22.51
C THR A 135 10.71 0.72 22.84
N SER A 136 11.21 1.58 21.95
CA SER A 136 11.11 3.01 22.13
C SER A 136 10.08 3.72 21.27
N VAL A 137 9.06 4.32 21.88
CA VAL A 137 8.06 5.09 21.16
C VAL A 137 8.69 6.32 20.51
N ASP A 138 9.56 6.99 21.27
CA ASP A 138 10.27 8.18 20.77
C ASP A 138 11.03 7.86 19.50
N GLU A 139 11.68 6.71 19.42
CA GLU A 139 12.43 6.31 18.23
C GLU A 139 11.49 6.17 17.04
N VAL A 140 10.33 5.57 17.29
CA VAL A 140 9.32 5.44 16.24
C VAL A 140 8.97 6.83 15.70
N LEU A 141 8.63 7.75 16.61
CA LEU A 141 8.30 9.11 16.20
C LEU A 141 9.43 9.76 15.42
N GLU A 142 10.66 9.63 15.89
CA GLU A 142 11.80 10.20 15.17
C GLU A 142 11.91 9.68 13.74
N LEU A 143 11.84 8.36 13.58
CA LEU A 143 12.00 7.76 12.26
C LEU A 143 10.86 8.08 11.29
N LEU A 144 9.68 8.42 11.79
CA LEU A 144 8.57 8.74 10.90
C LEU A 144 8.23 10.21 10.91
N ALA A 145 9.02 11.06 11.56
CA ALA A 145 8.75 12.49 11.66
C ALA A 145 9.03 13.28 10.39
N GLY A 146 9.92 12.80 9.54
CA GLY A 146 10.25 13.48 8.30
C GLY A 146 9.25 13.20 7.20
N ARG A 147 8.33 12.26 7.40
CA ARG A 147 7.29 11.89 6.47
C ARG A 147 6.57 13.04 5.79
N SER B 1 1.19 10.35 -30.28
CA SER B 1 0.89 9.14 -29.51
C SER B 1 2.15 8.59 -28.85
N HIS B 2 2.50 9.15 -27.70
CA HIS B 2 3.71 8.74 -26.98
C HIS B 2 3.37 8.03 -25.66
N VAL B 3 3.93 6.84 -25.45
CA VAL B 3 3.71 6.13 -24.19
C VAL B 3 4.39 6.89 -23.05
N ARG B 4 3.59 7.45 -22.15
CA ARG B 4 4.16 8.17 -21.01
C ARG B 4 3.32 7.95 -19.75
N LYS B 5 2.22 7.23 -19.87
CA LYS B 5 1.32 7.07 -18.75
C LYS B 5 1.30 5.64 -18.23
N ILE B 6 1.63 5.53 -16.95
CA ILE B 6 1.63 4.23 -16.27
C ILE B 6 0.74 4.31 -15.04
N ILE B 7 -0.19 3.37 -14.96
CA ILE B 7 -1.12 3.35 -13.84
C ILE B 7 -1.26 1.93 -13.31
N VAL B 8 -1.26 1.80 -11.99
CA VAL B 8 -1.40 0.49 -11.37
C VAL B 8 -2.81 0.35 -10.82
N ALA B 9 -3.45 -0.77 -11.08
CA ALA B 9 -4.80 -0.99 -10.58
C ALA B 9 -4.92 -2.28 -9.78
N ASP B 11 -8.04 -4.60 -6.97
CA ASP B 11 -9.42 -4.79 -6.57
C ASP B 11 -9.98 -3.52 -5.94
N ALA B 12 -9.33 -3.08 -4.86
CA ALA B 12 -9.77 -1.87 -4.18
C ALA B 12 -8.89 -0.69 -4.55
N GLY B 13 -7.71 -0.97 -5.10
CA GLY B 13 -6.81 0.10 -5.49
C GLY B 13 -6.39 0.91 -4.28
N MET B 14 -6.29 0.24 -3.14
CA MET B 14 -5.90 0.93 -1.91
C MET B 14 -4.89 0.14 -1.11
N GLY B 15 -4.33 -0.92 -1.71
CA GLY B 15 -3.36 -1.74 -1.02
C GLY B 15 -2.12 -1.96 -1.87
N SER B 16 -2.02 -3.14 -2.48
CA SER B 16 -0.87 -3.47 -3.30
C SER B 16 -0.59 -2.39 -4.34
N SER B 17 -1.64 -1.77 -4.83
CA SER B 17 -1.49 -0.73 -5.85
C SER B 17 -0.60 0.40 -5.35
N ALA B 18 -0.66 0.66 -4.04
CA ALA B 18 0.10 1.75 -3.44
C ALA B 18 1.60 1.49 -3.50
N MET B 19 2.00 0.26 -3.20
CA MET B 19 3.41 -0.09 -3.20
C MET B 19 3.96 -0.18 -4.63
N GLY B 20 3.24 -0.90 -5.48
CA GLY B 20 3.64 -1.03 -6.87
C GLY B 20 3.89 0.34 -7.49
N ALA B 21 2.95 1.24 -7.26
CA ALA B 21 3.05 2.60 -7.79
C ALA B 21 4.29 3.32 -7.30
N GLY B 22 4.53 3.27 -5.99
CA GLY B 22 5.65 3.97 -5.39
C GLY B 22 7.00 3.53 -5.97
N VAL B 23 7.21 2.21 -6.02
CA VAL B 23 8.49 1.69 -6.50
C VAL B 23 8.70 2.06 -7.98
N LEU B 24 7.69 1.81 -8.81
CA LEU B 24 7.81 2.11 -10.23
C LEU B 24 8.06 3.59 -10.42
N ARG B 25 7.30 4.38 -9.69
CA ARG B 25 7.41 5.82 -9.77
C ARG B 25 8.84 6.28 -9.49
N LYS B 26 9.42 5.73 -8.42
CA LYS B 26 10.76 6.12 -8.03
C LYS B 26 11.77 5.79 -9.11
N LYS B 27 11.66 4.60 -9.67
CA LYS B 27 12.60 4.19 -10.71
C LYS B 27 12.51 5.10 -11.92
N ILE B 28 11.28 5.44 -12.29
CA ILE B 28 11.04 6.30 -13.44
C ILE B 28 11.66 7.68 -13.23
N GLN B 29 11.45 8.23 -12.05
CA GLN B 29 11.99 9.54 -11.71
C GLN B 29 13.51 9.50 -11.70
N ASP B 30 14.05 8.41 -11.17
CA ASP B 30 15.50 8.23 -11.12
C ASP B 30 16.09 8.21 -12.53
N ALA B 31 15.36 7.60 -13.45
CA ALA B 31 15.84 7.47 -14.82
C ALA B 31 15.78 8.81 -15.56
N GLY B 32 15.34 9.86 -14.89
CA GLY B 32 15.28 11.18 -15.50
C GLY B 32 14.13 11.29 -16.48
N LEU B 33 13.11 10.45 -16.31
CA LEU B 33 11.96 10.48 -17.21
C LEU B 33 10.82 11.27 -16.58
N SER B 34 11.08 12.55 -16.32
CA SER B 34 10.08 13.41 -15.71
C SER B 34 8.85 13.51 -16.60
N GLN B 35 8.99 13.10 -17.86
CA GLN B 35 7.90 13.19 -18.81
C GLN B 35 6.87 12.09 -18.56
N ILE B 36 7.30 11.02 -17.91
CA ILE B 36 6.39 9.91 -17.61
C ILE B 36 5.68 10.17 -16.28
N SER B 37 4.37 9.96 -16.26
CA SER B 37 3.58 10.20 -15.05
C SER B 37 3.12 8.88 -14.45
N VAL B 38 3.04 8.83 -13.12
CA VAL B 38 2.64 7.62 -12.43
C VAL B 38 1.55 7.87 -11.38
N THR B 39 0.49 7.09 -11.47
CA THR B 39 -0.59 7.16 -10.49
C THR B 39 -1.21 5.78 -10.29
N ASN B 40 -2.12 5.69 -9.32
CA ASN B 40 -2.80 4.41 -9.07
C ASN B 40 -4.27 4.65 -8.84
N SER B 41 -5.09 3.65 -9.15
CA SER B 41 -6.52 3.78 -8.98
C SER B 41 -7.17 2.40 -9.09
N ALA B 42 -8.42 2.31 -8.66
CA ALA B 42 -9.15 1.05 -8.70
C ALA B 42 -9.34 0.60 -10.15
N ILE B 43 -9.49 -0.71 -10.35
CA ILE B 43 -9.69 -1.25 -11.70
C ILE B 43 -10.94 -0.65 -12.30
N ASN B 44 -12.00 -0.54 -11.51
CA ASN B 44 -13.25 0.01 -12.00
C ASN B 44 -13.01 1.39 -12.61
N ASN B 45 -11.88 2.00 -12.25
CA ASN B 45 -11.54 3.33 -12.73
C ASN B 45 -10.21 3.33 -13.50
N LEU B 46 -10.27 3.26 -14.83
CA LEU B 46 -9.06 3.34 -15.65
C LEU B 46 -9.36 4.19 -16.88
N PRO B 47 -8.78 5.36 -17.02
CA PRO B 47 -9.05 6.23 -18.19
C PRO B 47 -8.68 5.52 -19.51
N PRO B 48 -9.50 5.62 -20.53
CA PRO B 48 -9.21 4.95 -21.83
C PRO B 48 -7.93 5.48 -22.48
N ASP B 49 -7.46 6.65 -22.04
CA ASP B 49 -6.27 7.25 -22.65
C ASP B 49 -4.99 6.64 -22.07
N VAL B 50 -5.10 5.77 -21.08
CA VAL B 50 -3.92 5.17 -20.46
C VAL B 50 -3.17 4.32 -21.49
N ASP B 51 -1.85 4.42 -21.48
CA ASP B 51 -1.02 3.66 -22.41
C ASP B 51 -0.54 2.36 -21.79
N LEU B 52 -0.17 2.41 -20.51
CA LEU B 52 0.31 1.22 -19.81
C LEU B 52 -0.51 0.96 -18.56
N VAL B 53 -0.92 -0.28 -18.39
CA VAL B 53 -1.65 -0.69 -17.20
C VAL B 53 -0.91 -1.84 -16.52
N ILE B 54 -0.67 -1.69 -15.22
CA ILE B 54 0.07 -2.71 -14.47
C ILE B 54 -0.80 -3.25 -13.33
N THR B 55 -1.12 -4.54 -13.37
CA THR B 55 -1.94 -5.14 -12.30
C THR B 55 -1.48 -6.55 -12.00
N HIS B 56 -2.03 -7.13 -10.94
CA HIS B 56 -1.71 -8.51 -10.59
C HIS B 56 -2.38 -9.46 -11.58
N ARG B 57 -1.64 -10.46 -12.00
CA ARG B 57 -2.13 -11.42 -12.99
C ARG B 57 -3.56 -11.85 -12.71
N ASP B 58 -3.91 -11.94 -11.44
CA ASP B 58 -5.25 -12.39 -11.09
C ASP B 58 -6.31 -11.40 -11.57
N LEU B 59 -5.91 -10.15 -11.78
CA LEU B 59 -6.87 -9.12 -12.20
C LEU B 59 -6.50 -8.51 -13.56
N THR B 60 -5.43 -9.01 -14.17
CA THR B 60 -5.03 -8.49 -15.48
C THR B 60 -6.10 -8.73 -16.52
N GLU B 61 -6.82 -9.85 -16.40
CA GLU B 61 -7.90 -10.15 -17.33
C GLU B 61 -8.92 -9.02 -17.32
N ARG B 62 -9.26 -8.56 -16.12
CA ARG B 62 -10.24 -7.49 -15.97
C ARG B 62 -9.78 -6.21 -16.66
N ALA B 63 -8.53 -5.82 -16.41
CA ALA B 63 -8.03 -4.58 -16.99
C ALA B 63 -7.97 -4.68 -18.50
N MET B 64 -7.54 -5.84 -19.00
CA MET B 64 -7.47 -6.04 -20.43
C MET B 64 -8.82 -5.80 -21.05
N ARG B 65 -9.84 -6.25 -20.34
CA ARG B 65 -11.20 -6.18 -20.82
C ARG B 65 -11.68 -4.75 -20.96
N GLN B 66 -11.40 -3.95 -19.94
CA GLN B 66 -11.82 -2.56 -19.96
C GLN B 66 -11.15 -1.88 -21.14
N VAL B 67 -9.87 -2.17 -21.30
CA VAL B 67 -9.11 -1.67 -22.43
C VAL B 67 -8.19 -2.76 -22.94
N PRO B 68 -8.66 -3.61 -23.81
CA PRO B 68 -7.83 -4.69 -24.39
C PRO B 68 -6.93 -4.14 -25.46
N GLN B 69 -7.15 -2.85 -25.75
CA GLN B 69 -6.36 -2.14 -26.73
C GLN B 69 -5.16 -1.49 -26.06
N ALA B 70 -5.16 -1.52 -24.73
CA ALA B 70 -4.06 -0.93 -23.95
C ALA B 70 -2.97 -1.95 -23.73
N GLN B 71 -1.83 -1.50 -23.22
CA GLN B 71 -0.74 -2.39 -22.90
C GLN B 71 -0.82 -2.80 -21.45
N HIS B 72 -0.84 -4.11 -21.22
CA HIS B 72 -0.97 -4.64 -19.88
C HIS B 72 0.24 -5.45 -19.48
N ILE B 73 0.67 -5.25 -18.25
CA ILE B 73 1.79 -5.99 -17.70
C ILE B 73 1.33 -6.69 -16.44
N SER B 74 1.57 -7.99 -16.36
CA SER B 74 1.10 -8.77 -15.23
C SER B 74 2.22 -9.04 -14.24
N LEU B 75 1.87 -8.96 -12.96
CA LEU B 75 2.82 -9.24 -11.89
C LEU B 75 2.49 -10.59 -11.28
N THR B 76 3.40 -11.13 -10.48
CA THR B 76 3.17 -12.41 -9.81
C THR B 76 3.15 -12.23 -8.30
N ASN B 77 4.04 -11.39 -7.80
CA ASN B 77 4.12 -11.13 -6.36
C ASN B 77 4.26 -9.63 -6.10
N PHE B 78 3.81 -9.22 -4.92
CA PHE B 78 3.81 -7.81 -4.54
C PHE B 78 5.22 -7.25 -4.45
N LEU B 79 6.17 -8.05 -3.95
CA LEU B 79 7.54 -7.56 -3.80
C LEU B 79 8.47 -8.22 -4.83
N ASP B 80 7.90 -8.74 -5.91
CA ASP B 80 8.70 -9.37 -6.96
C ASP B 80 9.64 -8.35 -7.58
N SER B 81 10.74 -8.08 -6.88
CA SER B 81 11.72 -7.09 -7.35
C SER B 81 12.29 -7.46 -8.72
N GLY B 82 12.47 -8.75 -8.96
CA GLY B 82 13.03 -9.18 -10.23
C GLY B 82 12.14 -8.75 -11.40
N LEU B 83 10.84 -8.99 -11.29
CA LEU B 83 9.91 -8.59 -12.34
C LEU B 83 9.91 -7.07 -12.49
N TYR B 84 9.84 -6.36 -11.37
CA TYR B 84 9.82 -4.90 -11.41
C TYR B 84 11.06 -4.37 -12.10
N THR B 85 12.22 -4.92 -11.74
CA THR B 85 13.47 -4.46 -12.32
C THR B 85 13.46 -4.69 -13.84
N SER B 86 13.06 -5.88 -14.26
CA SER B 86 13.02 -6.21 -15.67
C SER B 86 12.10 -5.28 -16.45
N LEU B 87 10.93 -5.04 -15.89
CA LEU B 87 9.94 -4.19 -16.54
C LEU B 87 10.48 -2.78 -16.72
N THR B 88 11.13 -2.28 -15.68
CA THR B 88 11.69 -0.94 -15.73
C THR B 88 12.72 -0.81 -16.83
N GLU B 89 13.64 -1.77 -16.89
CA GLU B 89 14.69 -1.72 -17.90
C GLU B 89 14.07 -1.68 -19.28
N ARG B 90 13.01 -2.45 -19.45
CA ARG B 90 12.31 -2.56 -20.72
C ARG B 90 11.67 -1.24 -21.14
N LEU B 91 11.00 -0.59 -20.20
CA LEU B 91 10.32 0.65 -20.50
C LEU B 91 11.33 1.71 -20.90
N VAL B 92 12.46 1.72 -20.21
CA VAL B 92 13.54 2.63 -20.54
C VAL B 92 14.01 2.38 -21.96
N ALA B 93 14.19 1.09 -22.31
CA ALA B 93 14.61 0.72 -23.64
C ALA B 93 13.59 1.18 -24.68
N ALA B 94 12.30 1.02 -24.35
CA ALA B 94 11.22 1.42 -25.26
C ALA B 94 11.11 2.93 -25.35
N GLN B 95 11.55 3.63 -24.31
CA GLN B 95 11.47 5.10 -24.29
C GLN B 95 12.41 5.69 -25.33
N ARG B 96 13.66 5.22 -25.33
CA ARG B 96 14.62 5.69 -26.30
C ARG B 96 14.16 5.27 -27.68
N HIS B 97 14.11 3.96 -27.84
CA HIS B 97 13.58 3.42 -29.03
C HIS B 97 12.16 3.91 -29.12
#